data_5MY5
#
_entry.id   5MY5
#
_cell.length_a   52.323
_cell.length_b   42.530
_cell.length_c   54.753
_cell.angle_alpha   90.00
_cell.angle_beta   95.45
_cell.angle_gamma   90.00
#
_symmetry.space_group_name_H-M   'P 1 21 1'
#
loop_
_entity.id
_entity.type
_entity.pdbx_description
1 polymer 'ABC transporter periplasmic substrate-binding protein'
2 non-polymer 'SODIUM ION'
3 non-polymer 'CHLORIDE ION'
4 water water
#
_entity_poly.entity_id   1
_entity_poly.type   'polypeptide(L)'
_entity_poly.pdbx_seq_one_letter_code
;MAHHHHHHVDDDDKMLEVLFQGPEAPVLMMATTTSTDNTGLLDDLAPQFTKDTGIELRWTAVGTGKALKMGENCDVDILL
VHAPAAEKAFVDAGFGTARTQLMYNDFVIIGPAADPAGVKGMTVAAALGKIAADNAVFVSRGDNSGTHKMEKSLWKQIEG
PSPEKEAWYVQTGQGMLRTINVAAEKGGYTMTDRGTYIKYEASMDGNPPLKILVEGDKILFNQYSAIPVNPAHCPKVKKD
LADKFVNWMASPATQKTIGDFKLMGKALFTPNAE
;
_entity_poly.pdbx_strand_id   A
#
loop_
_chem_comp.id
_chem_comp.type
_chem_comp.name
_chem_comp.formula
CL non-polymer 'CHLORIDE ION' 'Cl -1'
NA non-polymer 'SODIUM ION' 'Na 1'
#
# COMPACT_ATOMS: atom_id res chain seq x y z
N ALA A 25 -6.52 31.25 7.18
CA ALA A 25 -6.52 30.33 5.99
C ALA A 25 -5.94 28.95 6.39
N PRO A 26 -6.74 28.17 7.17
CA PRO A 26 -6.25 27.04 7.98
C PRO A 26 -5.46 26.04 7.16
N VAL A 27 -4.36 25.54 7.74
CA VAL A 27 -3.49 24.59 7.10
C VAL A 27 -3.34 23.37 7.99
N LEU A 28 -3.57 22.22 7.39
CA LEU A 28 -3.41 20.94 8.05
C LEU A 28 -2.18 20.29 7.46
N MET A 29 -1.30 19.83 8.35
CA MET A 29 -0.04 19.21 7.93
C MET A 29 -0.08 17.72 8.17
N MET A 30 0.28 16.99 7.13
CA MET A 30 0.14 15.52 7.11
C MET A 30 1.49 14.90 6.78
N ALA A 31 1.72 13.76 7.40
CA ALA A 31 2.73 12.88 6.95
C ALA A 31 2.12 11.67 6.39
N THR A 32 2.61 11.27 5.21
CA THR A 32 2.17 10.03 4.54
C THR A 32 3.34 9.32 3.85
N THR A 33 3.05 8.31 3.07
CA THR A 33 4.13 7.49 2.53
C THR A 33 4.40 7.78 1.08
N THR A 34 5.61 7.41 0.64
CA THR A 34 6.02 7.54 -0.73
C THR A 34 5.08 6.79 -1.65
N SER A 35 4.67 5.59 -1.29
CA SER A 35 3.79 4.84 -2.13
C SER A 35 2.45 5.57 -2.26
N THR A 36 1.98 6.16 -1.15
CA THR A 36 0.70 6.89 -1.18
C THR A 36 0.80 8.03 -2.20
N ASP A 37 1.85 8.78 -2.06
CA ASP A 37 2.03 9.94 -2.96
C ASP A 37 2.08 9.49 -4.42
N ASN A 38 2.84 8.45 -4.69
CA ASN A 38 2.89 7.91 -6.04
C ASN A 38 1.58 7.59 -6.72
N THR A 39 0.53 7.22 -5.98
CA THR A 39 -0.77 6.86 -6.58
C THR A 39 -1.43 8.10 -7.18
N GLY A 40 -1.10 9.26 -6.63
CA GLY A 40 -1.74 10.53 -6.98
C GLY A 40 -3.10 10.78 -6.36
N LEU A 41 -3.57 9.89 -5.49
CA LEU A 41 -4.87 10.05 -4.83
C LEU A 41 -4.98 11.42 -4.12
N LEU A 42 -4.00 11.82 -3.36
CA LEU A 42 -4.06 13.06 -2.60
C LEU A 42 -4.09 14.29 -3.50
N ASP A 43 -3.47 14.20 -4.69
CA ASP A 43 -3.57 15.31 -5.65
C ASP A 43 -4.98 15.50 -6.11
N ASP A 44 -5.77 14.45 -6.20
CA ASP A 44 -7.21 14.56 -6.48
C ASP A 44 -8.03 14.98 -5.31
N LEU A 45 -7.76 14.40 -4.12
CA LEU A 45 -8.57 14.63 -2.94
C LEU A 45 -8.35 15.99 -2.34
N ALA A 46 -7.11 16.44 -2.31
CA ALA A 46 -6.79 17.65 -1.54
C ALA A 46 -7.57 18.93 -2.01
N PRO A 47 -7.72 19.16 -3.33
CA PRO A 47 -8.53 20.36 -3.71
C PRO A 47 -9.99 20.18 -3.36
N GLN A 48 -10.50 18.95 -3.40
CA GLN A 48 -11.89 18.71 -2.99
C GLN A 48 -12.10 18.94 -1.46
N PHE A 49 -11.16 18.46 -0.65
CA PHE A 49 -11.17 18.70 0.79
C PHE A 49 -11.17 20.20 1.03
N THR A 50 -10.33 20.97 0.34
CA THR A 50 -10.25 22.42 0.58
C THR A 50 -11.56 23.12 0.14
N LYS A 51 -12.12 22.69 -1.00
CA LYS A 51 -13.45 23.20 -1.43
C LYS A 51 -14.51 22.97 -0.40
N ASP A 52 -14.54 21.78 0.17
CA ASP A 52 -15.60 21.42 1.11
C ASP A 52 -15.45 21.93 2.51
N THR A 53 -14.24 22.21 2.93
CA THR A 53 -13.98 22.47 4.34
C THR A 53 -13.22 23.78 4.66
N GLY A 54 -12.67 24.40 3.62
CA GLY A 54 -11.84 25.57 3.68
C GLY A 54 -10.44 25.33 4.13
N ILE A 55 -10.08 24.09 4.45
CA ILE A 55 -8.79 23.80 5.05
C ILE A 55 -7.86 23.39 3.94
N GLU A 56 -6.64 23.98 3.89
CA GLU A 56 -5.58 23.60 2.98
C GLU A 56 -4.79 22.37 3.56
N LEU A 57 -4.66 21.31 2.76
CA LEU A 57 -3.88 20.10 3.17
C LEU A 57 -2.54 20.14 2.51
N ARG A 58 -1.48 20.04 3.34
CA ARG A 58 -0.11 19.96 2.88
C ARG A 58 0.40 18.62 3.36
N TRP A 59 1.14 17.92 2.53
CA TRP A 59 1.63 16.63 2.97
C TRP A 59 3.10 16.46 2.60
N THR A 60 3.81 15.68 3.38
CA THR A 60 5.12 15.23 3.02
C THR A 60 5.07 13.72 2.99
N ALA A 61 5.68 13.18 1.93
CA ALA A 61 5.71 11.76 1.66
C ALA A 61 7.06 11.16 1.88
N VAL A 62 7.13 10.20 2.80
CA VAL A 62 8.40 9.59 3.28
C VAL A 62 8.17 8.14 3.51
N GLY A 63 9.20 7.38 3.89
CA GLY A 63 8.92 6.00 4.29
C GLY A 63 8.09 5.95 5.58
N THR A 64 7.44 4.82 5.79
CA THR A 64 6.57 4.68 6.98
C THR A 64 7.21 5.03 8.31
N GLY A 65 8.40 4.45 8.56
CA GLY A 65 9.07 4.78 9.81
C GLY A 65 9.28 6.26 10.04
N LYS A 66 9.70 6.90 8.96
CA LYS A 66 9.96 8.35 9.02
C LYS A 66 8.66 9.14 9.22
N ALA A 67 7.56 8.66 8.62
CA ALA A 67 6.24 9.31 8.83
C ALA A 67 5.86 9.25 10.25
N LEU A 68 5.95 8.06 10.83
CA LEU A 68 5.67 7.86 12.24
CA LEU A 68 5.58 7.94 12.23
C LEU A 68 6.54 8.75 13.12
N LYS A 69 7.82 8.82 12.78
CA LYS A 69 8.78 9.66 13.50
C LYS A 69 8.36 11.14 13.42
N MET A 70 7.90 11.61 12.26
CA MET A 70 7.40 12.97 12.13
C MET A 70 6.24 13.23 13.07
N GLY A 71 5.29 12.25 13.24
CA GLY A 71 4.23 12.40 14.19
C GLY A 71 4.74 12.42 15.61
N GLU A 72 5.64 11.49 15.94
CA GLU A 72 6.28 11.55 17.24
C GLU A 72 7.04 12.87 17.53
N ASN A 73 7.66 13.50 16.54
CA ASN A 73 8.40 14.75 16.76
C ASN A 73 7.48 15.97 16.72
N CYS A 74 6.17 15.78 16.58
CA CYS A 74 5.18 16.85 16.55
C CYS A 74 5.30 17.70 15.29
N ASP A 75 5.88 17.16 14.24
CA ASP A 75 6.12 17.88 13.01
C ASP A 75 4.78 18.15 12.24
N VAL A 76 3.82 17.24 12.43
CA VAL A 76 2.58 17.15 11.67
C VAL A 76 1.38 16.93 12.58
N ASP A 77 0.19 17.22 12.06
CA ASP A 77 -1.03 17.07 12.74
C ASP A 77 -1.74 15.70 12.60
N ILE A 78 -1.40 15.01 11.51
CA ILE A 78 -2.11 13.73 11.15
C ILE A 78 -1.20 12.88 10.30
N LEU A 79 -1.41 11.58 10.45
CA LEU A 79 -0.75 10.60 9.63
C LEU A 79 -1.82 9.98 8.70
N LEU A 80 -1.34 9.63 7.52
CA LEU A 80 -2.16 8.73 6.61
C LEU A 80 -1.18 7.67 6.19
N VAL A 81 -1.37 6.46 6.74
CA VAL A 81 -0.35 5.41 6.56
C VAL A 81 -1.03 4.07 6.39
N HIS A 82 -0.21 3.04 6.18
CA HIS A 82 -0.77 1.71 5.82
C HIS A 82 0.11 0.61 6.39
N ALA A 83 0.24 0.65 7.70
CA ALA A 83 1.09 -0.28 8.44
C ALA A 83 0.51 -0.58 9.86
N PRO A 84 -0.45 -1.52 9.85
CA PRO A 84 -1.28 -1.67 11.05
C PRO A 84 -0.52 -1.91 12.37
N ALA A 85 0.49 -2.78 12.39
CA ALA A 85 1.22 -3.01 13.66
C ALA A 85 1.94 -1.77 14.17
N ALA A 86 2.64 -1.07 13.26
CA ALA A 86 3.34 0.14 13.66
C ALA A 86 2.31 1.22 14.07
N GLU A 87 1.18 1.26 13.37
CA GLU A 87 0.16 2.21 13.75
C GLU A 87 -0.40 1.99 15.19
N LYS A 88 -0.63 0.71 15.49
CA LYS A 88 -1.09 0.34 16.85
C LYS A 88 -0.04 0.73 17.96
N ALA A 89 1.23 0.49 17.66
CA ALA A 89 2.30 0.97 18.55
C ALA A 89 2.36 2.47 18.72
N PHE A 90 2.06 3.22 17.62
CA PHE A 90 2.03 4.66 17.70
C PHE A 90 0.94 5.19 18.61
N VAL A 91 -0.23 4.59 18.45
CA VAL A 91 -1.40 4.95 19.27
C VAL A 91 -1.07 4.55 20.76
N ASP A 92 -0.54 3.34 20.93
CA ASP A 92 -0.21 2.84 22.33
C ASP A 92 0.81 3.70 23.02
N ALA A 93 1.76 4.25 22.30
CA ALA A 93 2.72 5.21 22.82
C ALA A 93 2.15 6.51 23.29
N GLY A 94 0.93 6.82 22.84
CA GLY A 94 0.27 8.07 23.15
C GLY A 94 0.60 9.13 22.12
N PHE A 95 1.24 8.70 21.02
CA PHE A 95 1.63 9.70 20.00
C PHE A 95 0.45 10.05 19.05
N GLY A 96 -0.49 9.15 18.96
CA GLY A 96 -1.76 9.31 18.16
C GLY A 96 -2.96 9.03 19.00
N THR A 97 -4.14 9.55 18.62
CA THR A 97 -5.33 9.35 19.39
C THR A 97 -5.96 8.02 19.05
N ALA A 98 -6.08 7.69 17.75
CA ALA A 98 -6.73 6.47 17.32
C ALA A 98 -6.59 6.32 15.80
N ARG A 99 -6.71 5.08 15.35
CA ARG A 99 -6.67 4.74 13.93
C ARG A 99 -8.09 4.73 13.43
N THR A 100 -8.34 5.42 12.31
CA THR A 100 -9.59 5.29 11.56
C THR A 100 -9.30 4.67 10.21
N GLN A 101 -9.85 3.51 9.97
CA GLN A 101 -9.66 2.87 8.68
CA GLN A 101 -9.68 2.84 8.69
C GLN A 101 -10.50 3.55 7.64
N LEU A 102 -9.97 3.70 6.46
CA LEU A 102 -10.56 4.56 5.37
C LEU A 102 -10.74 3.84 4.02
N MET A 103 -9.72 3.13 3.54
CA MET A 103 -9.71 2.42 2.31
C MET A 103 -8.52 1.46 2.25
N TYR A 104 -8.56 0.57 1.29
CA TYR A 104 -7.34 -0.21 1.01
C TYR A 104 -7.01 -0.23 -0.46
N ASN A 105 -5.75 -0.27 -0.83
CA ASN A 105 -5.32 -0.76 -2.13
C ASN A 105 -4.80 -2.21 -1.91
N ASP A 106 -4.33 -2.80 -2.96
CA ASP A 106 -3.98 -4.20 -2.83
C ASP A 106 -2.76 -4.57 -3.61
N PHE A 107 -2.29 -5.77 -3.28
CA PHE A 107 -1.19 -6.41 -3.96
C PHE A 107 -1.69 -7.57 -4.79
N VAL A 108 -0.93 -7.95 -5.79
CA VAL A 108 -1.27 -9.09 -6.71
C VAL A 108 -0.04 -9.91 -7.00
N ILE A 109 -0.24 -11.19 -7.34
CA ILE A 109 0.87 -11.98 -7.90
C ILE A 109 0.70 -12.07 -9.39
N ILE A 110 1.74 -11.82 -10.12
CA ILE A 110 1.75 -11.79 -11.60
C ILE A 110 2.72 -12.83 -12.07
N GLY A 111 2.52 -13.27 -13.32
CA GLY A 111 3.41 -14.25 -13.92
C GLY A 111 3.14 -14.36 -15.40
N PRO A 112 3.90 -15.23 -16.13
CA PRO A 112 3.61 -15.39 -17.51
C PRO A 112 2.18 -15.80 -17.79
N ALA A 113 1.65 -15.27 -18.90
CA ALA A 113 0.28 -15.65 -19.32
C ALA A 113 0.10 -17.17 -19.39
N ALA A 114 1.16 -17.87 -19.81
CA ALA A 114 1.12 -19.33 -19.91
C ALA A 114 1.08 -20.01 -18.54
N ASP A 115 1.56 -19.31 -17.49
CA ASP A 115 1.41 -19.75 -16.13
C ASP A 115 1.97 -21.16 -15.89
N PRO A 116 3.28 -21.29 -16.00
CA PRO A 116 3.91 -22.61 -15.99
C PRO A 116 3.70 -23.39 -14.69
N ALA A 117 3.46 -22.74 -13.54
CA ALA A 117 3.11 -23.41 -12.31
C ALA A 117 1.65 -23.69 -12.11
N GLY A 118 0.83 -23.12 -12.98
CA GLY A 118 -0.61 -23.28 -12.99
C GLY A 118 -1.28 -22.78 -11.75
N VAL A 119 -0.93 -21.53 -11.40
CA VAL A 119 -1.53 -20.95 -10.19
C VAL A 119 -2.74 -20.00 -10.36
N LYS A 120 -3.13 -19.68 -11.59
CA LYS A 120 -4.24 -18.73 -11.79
C LYS A 120 -5.45 -19.14 -11.02
N GLY A 121 -5.99 -18.16 -10.26
CA GLY A 121 -7.21 -18.34 -9.52
C GLY A 121 -7.06 -19.13 -8.24
N MET A 122 -5.80 -19.46 -7.87
CA MET A 122 -5.62 -20.08 -6.57
C MET A 122 -5.62 -19.01 -5.48
N THR A 123 -5.78 -19.42 -4.25
CA THR A 123 -5.46 -18.55 -3.12
C THR A 123 -3.95 -18.26 -3.08
N VAL A 124 -3.60 -17.19 -2.42
CA VAL A 124 -2.14 -16.86 -2.20
C VAL A 124 -1.37 -18.00 -1.59
N ALA A 125 -1.87 -18.61 -0.55
CA ALA A 125 -1.17 -19.73 0.05
C ALA A 125 -0.99 -20.90 -0.88
N ALA A 126 -2.01 -21.26 -1.64
CA ALA A 126 -1.89 -22.40 -2.58
C ALA A 126 -0.97 -22.06 -3.72
N ALA A 127 -0.97 -20.79 -4.15
CA ALA A 127 -0.16 -20.40 -5.31
C ALA A 127 1.31 -20.44 -4.92
N LEU A 128 1.62 -19.84 -3.80
CA LEU A 128 3.02 -19.80 -3.30
C LEU A 128 3.48 -21.19 -3.01
N GLY A 129 2.61 -22.04 -2.45
CA GLY A 129 3.05 -23.42 -2.22
C GLY A 129 3.29 -24.18 -3.49
N LYS A 130 2.52 -23.94 -4.50
CA LYS A 130 2.64 -24.55 -5.77
C LYS A 130 3.87 -24.10 -6.53
N ILE A 131 4.16 -22.78 -6.48
CA ILE A 131 5.39 -22.22 -7.10
C ILE A 131 6.61 -22.88 -6.45
N ALA A 132 6.57 -22.96 -5.14
CA ALA A 132 7.67 -23.59 -4.29
C ALA A 132 7.78 -25.07 -4.72
N ALA A 133 6.66 -25.79 -4.86
CA ALA A 133 6.69 -27.22 -5.14
C ALA A 133 7.21 -27.50 -6.54
N ASP A 134 6.90 -26.64 -7.53
CA ASP A 134 7.29 -26.78 -8.90
C ASP A 134 8.67 -26.13 -9.13
N ASN A 135 9.27 -25.52 -8.11
CA ASN A 135 10.52 -24.76 -8.27
C ASN A 135 10.44 -23.68 -9.33
N ALA A 136 9.25 -23.08 -9.48
CA ALA A 136 9.12 -21.99 -10.42
C ALA A 136 9.88 -20.75 -9.91
N VAL A 137 10.34 -19.96 -10.86
CA VAL A 137 11.05 -18.71 -10.56
C VAL A 137 10.12 -17.76 -9.89
N PHE A 138 10.55 -17.22 -8.79
CA PHE A 138 9.76 -16.22 -7.99
C PHE A 138 10.73 -15.09 -7.67
N VAL A 139 10.35 -13.85 -7.97
CA VAL A 139 11.21 -12.72 -7.83
C VAL A 139 10.75 -11.80 -6.70
N SER A 140 11.61 -11.69 -5.68
CA SER A 140 11.46 -10.81 -4.52
C SER A 140 12.17 -9.45 -4.76
N ARG A 141 11.61 -8.41 -4.20
CA ARG A 141 12.28 -7.09 -4.12
C ARG A 141 13.65 -7.21 -3.39
N GLY A 142 13.75 -8.04 -2.33
CA GLY A 142 14.99 -8.15 -1.51
C GLY A 142 15.58 -6.84 -1.04
N ASP A 143 14.76 -5.84 -0.72
CA ASP A 143 15.29 -4.49 -0.38
C ASP A 143 14.76 -3.88 0.89
N ASN A 144 14.08 -4.66 1.71
CA ASN A 144 13.44 -4.21 2.94
C ASN A 144 12.42 -3.10 2.77
N SER A 145 11.93 -2.91 1.54
CA SER A 145 10.81 -2.04 1.37
C SER A 145 9.54 -2.52 2.02
N GLY A 146 8.52 -1.68 2.07
CA GLY A 146 7.22 -2.07 2.49
C GLY A 146 6.66 -3.25 1.67
N THR A 147 6.86 -3.16 0.37
CA THR A 147 6.41 -4.25 -0.53
C THR A 147 7.18 -5.55 -0.16
N HIS A 148 8.50 -5.46 0.03
CA HIS A 148 9.30 -6.63 0.37
C HIS A 148 8.84 -7.28 1.67
N LYS A 149 8.55 -6.44 2.67
CA LYS A 149 8.01 -6.92 3.91
C LYS A 149 6.65 -7.66 3.76
N MET A 150 5.74 -7.11 2.94
CA MET A 150 4.52 -7.74 2.64
C MET A 150 4.72 -9.11 1.97
N GLU A 151 5.64 -9.16 1.00
CA GLU A 151 5.92 -10.42 0.32
C GLU A 151 6.47 -11.46 1.30
N LYS A 152 7.41 -11.02 2.16
CA LYS A 152 7.95 -11.97 3.12
C LYS A 152 6.85 -12.49 4.02
N SER A 153 5.91 -11.64 4.41
CA SER A 153 4.84 -12.02 5.30
C SER A 153 3.97 -13.10 4.67
N LEU A 154 3.81 -13.10 3.34
CA LEU A 154 2.98 -14.09 2.65
C LEU A 154 3.54 -15.48 2.75
N TRP A 155 4.86 -15.60 2.65
CA TRP A 155 5.48 -16.88 2.76
C TRP A 155 5.31 -17.46 4.12
N LYS A 156 5.23 -16.62 5.13
CA LYS A 156 5.07 -17.08 6.51
C LYS A 156 3.80 -17.89 6.73
N GLN A 157 2.82 -17.80 5.84
CA GLN A 157 1.57 -18.53 5.91
C GLN A 157 1.44 -19.78 5.06
N ILE A 158 2.48 -20.21 4.33
CA ILE A 158 2.42 -21.50 3.59
C ILE A 158 2.81 -22.57 4.64
N GLU A 159 2.57 -23.84 4.34
CA GLU A 159 2.89 -24.89 5.30
C GLU A 159 4.36 -25.23 5.23
N GLY A 160 4.95 -25.03 4.04
CA GLY A 160 6.33 -25.42 3.73
C GLY A 160 7.30 -24.40 4.27
N PRO A 161 8.60 -24.60 3.99
CA PRO A 161 9.62 -23.83 4.61
C PRO A 161 9.83 -22.48 3.87
N SER A 162 10.46 -21.59 4.58
CA SER A 162 10.96 -20.29 3.96
C SER A 162 11.67 -20.58 2.64
N PRO A 163 11.49 -19.73 1.59
CA PRO A 163 12.10 -20.00 0.30
C PRO A 163 13.46 -19.32 0.08
N GLU A 164 13.94 -18.66 1.11
CA GLU A 164 15.00 -17.72 0.91
C GLU A 164 16.27 -18.36 0.42
N LYS A 165 16.49 -19.64 0.73
CA LYS A 165 17.72 -20.31 0.30
C LYS A 165 17.62 -21.05 -0.99
N GLU A 166 16.45 -21.06 -1.65
CA GLU A 166 16.19 -21.83 -2.83
C GLU A 166 16.62 -21.11 -4.08
N ALA A 167 17.25 -21.82 -5.02
CA ALA A 167 17.80 -21.17 -6.23
C ALA A 167 16.78 -20.56 -7.14
N TRP A 168 15.52 -21.02 -7.04
CA TRP A 168 14.43 -20.47 -7.87
C TRP A 168 13.95 -19.11 -7.33
N TYR A 169 14.30 -18.77 -6.12
CA TYR A 169 13.91 -17.59 -5.44
C TYR A 169 14.90 -16.46 -5.62
N VAL A 170 14.54 -15.46 -6.40
CA VAL A 170 15.45 -14.37 -6.88
C VAL A 170 15.18 -13.15 -6.03
N GLN A 171 16.21 -12.53 -5.49
CA GLN A 171 16.12 -11.29 -4.71
C GLN A 171 16.86 -10.18 -5.50
N THR A 172 16.13 -9.23 -6.07
CA THR A 172 16.75 -8.25 -6.95
C THR A 172 17.57 -7.20 -6.22
N GLY A 173 17.12 -6.82 -5.06
CA GLY A 173 17.60 -5.66 -4.36
C GLY A 173 17.21 -4.37 -5.07
N GLN A 174 16.14 -4.40 -5.86
CA GLN A 174 15.71 -3.22 -6.67
C GLN A 174 14.28 -2.85 -6.44
N GLY A 175 13.83 -1.70 -6.98
CA GLY A 175 12.49 -1.29 -6.89
C GLY A 175 11.51 -2.09 -7.70
N MET A 176 10.27 -1.64 -7.60
CA MET A 176 9.18 -2.47 -8.12
C MET A 176 9.23 -2.67 -9.61
N LEU A 177 9.40 -1.60 -10.40
CA LEU A 177 9.44 -1.78 -11.84
C LEU A 177 10.58 -2.63 -12.31
N ARG A 178 11.74 -2.46 -11.73
CA ARG A 178 12.88 -3.28 -12.07
C ARG A 178 12.61 -4.79 -11.77
N THR A 179 11.97 -5.02 -10.66
CA THR A 179 11.75 -6.39 -10.20
C THR A 179 10.75 -7.02 -11.13
N ILE A 180 9.72 -6.27 -11.54
CA ILE A 180 8.78 -6.78 -12.54
C ILE A 180 9.52 -7.18 -13.79
N ASN A 181 10.39 -6.30 -14.29
CA ASN A 181 11.22 -6.58 -15.47
C ASN A 181 12.12 -7.79 -15.35
N VAL A 182 12.67 -8.06 -14.15
CA VAL A 182 13.37 -9.30 -13.99
C VAL A 182 12.47 -10.53 -14.06
N ALA A 183 11.28 -10.47 -13.47
CA ALA A 183 10.31 -11.57 -13.57
C ALA A 183 9.93 -11.76 -15.04
N ALA A 184 9.80 -10.67 -15.82
CA ALA A 184 9.49 -10.85 -17.24
C ALA A 184 10.63 -11.52 -18.00
N GLU A 185 11.88 -11.12 -17.75
CA GLU A 185 13.02 -11.66 -18.44
C GLU A 185 13.18 -13.16 -18.09
N LYS A 186 12.85 -13.50 -16.86
CA LYS A 186 13.10 -14.86 -16.33
C LYS A 186 11.92 -15.76 -16.55
N GLY A 187 10.82 -15.26 -17.10
CA GLY A 187 9.59 -16.09 -17.03
C GLY A 187 9.08 -16.53 -15.67
N GLY A 188 9.11 -15.59 -14.74
CA GLY A 188 8.92 -15.80 -13.35
C GLY A 188 7.69 -15.16 -12.82
N TYR A 189 7.36 -15.51 -11.60
CA TYR A 189 6.26 -14.94 -10.84
C TYR A 189 6.81 -13.82 -9.95
N THR A 190 5.97 -12.86 -9.57
CA THR A 190 6.42 -11.83 -8.60
C THR A 190 5.14 -11.25 -7.94
N MET A 191 5.29 -10.73 -6.74
CA MET A 191 4.24 -9.98 -6.06
C MET A 191 4.55 -8.48 -6.30
N THR A 192 3.47 -7.75 -6.68
CA THR A 192 3.55 -6.29 -6.92
C THR A 192 2.39 -5.60 -6.38
N ASP A 193 2.57 -4.29 -6.01
CA ASP A 193 1.34 -3.51 -5.75
C ASP A 193 0.62 -3.41 -7.16
N ARG A 194 -0.71 -3.30 -7.04
CA ARG A 194 -1.53 -3.15 -8.27
C ARG A 194 -1.22 -1.91 -9.03
N GLY A 195 -0.97 -0.81 -8.36
CA GLY A 195 -0.68 0.46 -9.03
C GLY A 195 0.49 0.34 -10.00
N THR A 196 1.63 -0.22 -9.51
CA THR A 196 2.78 -0.38 -10.35
C THR A 196 2.46 -1.37 -11.51
N TYR A 197 1.70 -2.44 -11.25
CA TYR A 197 1.25 -3.28 -12.33
C TYR A 197 0.48 -2.50 -13.44
N ILE A 198 -0.50 -1.74 -13.00
CA ILE A 198 -1.28 -0.91 -13.94
C ILE A 198 -0.31 -0.05 -14.82
N LYS A 199 0.68 0.62 -14.23
CA LYS A 199 1.59 1.46 -15.00
C LYS A 199 2.44 0.61 -15.93
N TYR A 200 2.93 -0.51 -15.44
CA TYR A 200 3.72 -1.41 -16.28
C TYR A 200 2.88 -2.00 -17.52
N GLU A 201 1.66 -2.42 -17.25
CA GLU A 201 0.75 -2.97 -18.25
C GLU A 201 0.51 -1.88 -19.36
N ALA A 202 0.34 -0.64 -18.95
CA ALA A 202 0.19 0.50 -19.92
C ALA A 202 1.46 0.81 -20.72
N SER A 203 2.63 0.72 -20.11
CA SER A 203 3.88 0.77 -20.84
C SER A 203 4.09 -0.27 -21.89
N MET A 204 3.40 -1.41 -21.80
CA MET A 204 3.40 -2.43 -22.85
C MET A 204 2.10 -2.41 -23.66
N ASP A 205 1.51 -1.23 -23.85
CA ASP A 205 0.25 -1.07 -24.65
C ASP A 205 -0.85 -2.03 -24.25
N GLY A 206 -1.01 -2.29 -22.96
CA GLY A 206 -2.03 -3.19 -22.47
C GLY A 206 -1.86 -4.67 -22.69
N ASN A 207 -0.69 -5.07 -23.22
CA ASN A 207 -0.40 -6.44 -23.52
C ASN A 207 1.04 -6.76 -23.02
N PRO A 208 1.27 -6.64 -21.70
CA PRO A 208 2.52 -7.17 -21.19
C PRO A 208 2.56 -8.72 -21.15
N PRO A 209 3.78 -9.30 -21.05
CA PRO A 209 3.86 -10.74 -20.93
C PRO A 209 3.48 -11.35 -19.63
N LEU A 210 3.46 -10.54 -18.56
CA LEU A 210 3.07 -10.96 -17.23
C LEU A 210 1.68 -10.44 -16.98
N LYS A 211 0.85 -11.31 -16.53
CA LYS A 211 -0.60 -11.08 -16.27
C LYS A 211 -0.87 -11.22 -14.79
N ILE A 212 -1.94 -10.65 -14.26
CA ILE A 212 -2.36 -10.87 -12.93
C ILE A 212 -2.92 -12.27 -12.81
N LEU A 213 -2.33 -13.07 -11.97
CA LEU A 213 -2.73 -14.47 -11.77
C LEU A 213 -3.30 -14.78 -10.44
N VAL A 214 -2.99 -14.01 -9.38
CA VAL A 214 -3.57 -14.24 -8.10
C VAL A 214 -3.95 -12.86 -7.53
N GLU A 215 -5.22 -12.68 -7.11
CA GLU A 215 -5.74 -11.38 -6.61
C GLU A 215 -6.98 -11.62 -5.80
N GLY A 216 -7.35 -10.71 -4.94
CA GLY A 216 -8.57 -10.71 -4.20
C GLY A 216 -8.53 -11.25 -2.84
N ASP A 217 -7.44 -11.98 -2.53
CA ASP A 217 -7.32 -12.57 -1.27
C ASP A 217 -7.21 -11.50 -0.18
N LYS A 218 -7.85 -11.66 0.96
CA LYS A 218 -7.82 -10.60 2.01
C LYS A 218 -6.41 -10.30 2.51
N ILE A 219 -5.53 -11.30 2.55
CA ILE A 219 -4.17 -11.09 2.97
C ILE A 219 -3.41 -10.14 2.06
N LEU A 220 -3.87 -9.94 0.82
CA LEU A 220 -3.24 -9.02 -0.10
C LEU A 220 -3.70 -7.52 0.06
N PHE A 221 -4.64 -7.29 0.94
CA PHE A 221 -5.08 -5.90 1.20
C PHE A 221 -4.05 -5.03 1.88
N ASN A 222 -3.99 -3.79 1.46
CA ASN A 222 -3.10 -2.80 2.03
C ASN A 222 -3.98 -1.75 2.70
N GLN A 223 -4.32 -1.97 3.95
CA GLN A 223 -5.30 -1.14 4.68
C GLN A 223 -4.64 0.23 5.02
N TYR A 224 -5.33 1.33 4.59
CA TYR A 224 -5.00 2.67 5.04
C TYR A 224 -5.81 3.12 6.25
N SER A 225 -5.14 3.83 7.16
CA SER A 225 -5.80 4.52 8.26
C SER A 225 -5.30 5.94 8.40
N ALA A 226 -6.18 6.80 8.92
CA ALA A 226 -5.74 8.10 9.36
C ALA A 226 -5.59 8.10 10.85
N ILE A 227 -4.59 8.82 11.34
CA ILE A 227 -4.34 8.90 12.81
C ILE A 227 -3.99 10.33 13.14
N PRO A 228 -4.91 11.05 13.83
CA PRO A 228 -4.60 12.35 14.40
C PRO A 228 -3.45 12.23 15.44
N VAL A 229 -2.55 13.16 15.36
CA VAL A 229 -1.45 13.23 16.39
C VAL A 229 -2.15 13.71 17.68
N ASN A 230 -1.74 13.13 18.80
CA ASN A 230 -2.42 13.32 20.11
C ASN A 230 -1.97 14.61 20.77
N PRO A 231 -2.90 15.51 21.07
CA PRO A 231 -2.57 16.79 21.73
C PRO A 231 -1.92 16.64 23.13
N ALA A 232 -2.10 15.51 23.72
CA ALA A 232 -1.38 15.20 24.98
C ALA A 232 0.09 15.03 24.79
N HIS A 233 0.49 14.61 23.59
CA HIS A 233 1.93 14.51 23.24
C HIS A 233 2.43 15.77 22.56
N CYS A 234 1.57 16.42 21.74
CA CYS A 234 1.98 17.61 20.98
C CYS A 234 0.92 18.67 21.25
N PRO A 235 1.15 19.57 22.24
CA PRO A 235 -0.04 20.31 22.64
C PRO A 235 -0.47 21.35 21.64
N LYS A 236 0.38 21.75 20.69
CA LYS A 236 0.01 22.77 19.71
C LYS A 236 -0.55 22.15 18.42
N VAL A 237 -0.76 20.83 18.42
CA VAL A 237 -1.26 20.13 17.22
C VAL A 237 -2.67 20.65 16.85
N LYS A 238 -2.94 20.69 15.52
CA LYS A 238 -4.22 21.20 15.04
C LYS A 238 -5.20 20.08 15.01
N LYS A 239 -5.62 19.58 16.17
CA LYS A 239 -6.53 18.45 16.31
C LYS A 239 -7.86 18.62 15.65
N ASP A 240 -8.40 19.84 15.73
CA ASP A 240 -9.73 20.05 15.17
C ASP A 240 -9.66 19.97 13.61
N LEU A 241 -8.56 20.46 13.01
CA LEU A 241 -8.35 20.35 11.52
C LEU A 241 -8.17 18.83 11.21
N ALA A 242 -7.36 18.13 12.01
CA ALA A 242 -7.15 16.67 11.75
C ALA A 242 -8.42 15.89 11.79
N ASP A 243 -9.21 16.16 12.83
CA ASP A 243 -10.49 15.51 12.96
C ASP A 243 -11.43 15.86 11.77
N LYS A 244 -11.36 17.09 11.24
CA LYS A 244 -12.15 17.48 10.09
C LYS A 244 -11.79 16.67 8.87
N PHE A 245 -10.50 16.40 8.68
CA PHE A 245 -10.05 15.58 7.56
C PHE A 245 -10.60 14.15 7.72
N VAL A 246 -10.50 13.57 8.92
CA VAL A 246 -10.99 12.20 9.15
C VAL A 246 -12.45 12.16 8.85
N ASN A 247 -13.13 13.18 9.31
CA ASN A 247 -14.59 13.22 9.11
C ASN A 247 -14.92 13.25 7.62
N TRP A 248 -14.24 14.16 6.88
CA TRP A 248 -14.38 14.24 5.49
C TRP A 248 -14.08 12.95 4.73
N MET A 249 -12.98 12.27 5.09
CA MET A 249 -12.58 11.12 4.32
C MET A 249 -13.54 9.98 4.58
N ALA A 250 -14.12 9.90 5.79
CA ALA A 250 -15.02 8.76 6.16
C ALA A 250 -16.48 9.01 5.67
N SER A 251 -16.75 10.18 5.15
CA SER A 251 -18.14 10.54 4.74
C SER A 251 -18.50 9.68 3.56
N PRO A 252 -19.77 9.31 3.45
CA PRO A 252 -20.16 8.59 2.22
C PRO A 252 -19.73 9.19 0.89
N ALA A 253 -19.81 10.50 0.72
CA ALA A 253 -19.51 11.11 -0.56
C ALA A 253 -18.01 10.95 -0.83
N THR A 254 -17.13 11.18 0.17
CA THR A 254 -15.69 11.05 -0.13
C THR A 254 -15.30 9.58 -0.28
N GLN A 255 -15.90 8.67 0.48
CA GLN A 255 -15.77 7.22 0.24
C GLN A 255 -16.05 6.86 -1.21
N LYS A 256 -17.16 7.39 -1.73
CA LYS A 256 -17.51 7.14 -3.10
C LYS A 256 -16.42 7.70 -4.00
N THR A 257 -15.91 8.91 -3.76
CA THR A 257 -14.87 9.53 -4.53
C THR A 257 -13.60 8.63 -4.52
N ILE A 258 -13.26 8.10 -3.34
CA ILE A 258 -12.06 7.24 -3.27
C ILE A 258 -12.31 5.99 -4.12
N GLY A 259 -13.47 5.39 -4.01
CA GLY A 259 -13.82 4.18 -4.79
C GLY A 259 -13.86 4.42 -6.30
N ASP A 260 -14.26 5.62 -6.67
CA ASP A 260 -14.21 6.02 -8.09
C ASP A 260 -12.89 6.53 -8.66
N PHE A 261 -11.85 6.67 -7.84
CA PHE A 261 -10.54 7.12 -8.30
C PHE A 261 -9.96 6.08 -9.23
N LYS A 262 -9.40 6.55 -10.29
CA LYS A 262 -8.75 5.69 -11.32
C LYS A 262 -7.35 6.04 -11.54
N LEU A 263 -6.53 5.02 -11.74
CA LEU A 263 -5.20 5.16 -12.23
C LEU A 263 -5.14 4.59 -13.63
N MET A 264 -4.81 5.44 -14.62
CA MET A 264 -4.87 5.06 -16.03
C MET A 264 -6.15 4.32 -16.34
N GLY A 265 -7.27 4.83 -15.84
CA GLY A 265 -8.55 4.26 -16.12
C GLY A 265 -9.05 3.07 -15.34
N LYS A 266 -8.22 2.64 -14.37
CA LYS A 266 -8.48 1.43 -13.62
C LYS A 266 -8.62 1.70 -12.13
N ALA A 267 -9.42 0.90 -11.47
CA ALA A 267 -9.72 1.06 -10.03
C ALA A 267 -8.44 0.71 -9.20
N LEU A 268 -8.27 1.42 -8.07
CA LEU A 268 -7.11 1.18 -7.22
C LEU A 268 -7.48 1.02 -5.77
N PHE A 269 -8.39 1.82 -5.24
CA PHE A 269 -8.78 1.78 -3.82
C PHE A 269 -10.20 1.30 -3.60
N THR A 270 -10.45 0.46 -2.61
CA THR A 270 -11.73 0.07 -2.14
C THR A 270 -11.95 0.89 -0.83
N PRO A 271 -12.94 1.80 -0.79
CA PRO A 271 -13.36 2.38 0.48
C PRO A 271 -13.90 1.41 1.47
N ASN A 272 -13.58 1.56 2.74
CA ASN A 272 -14.05 0.67 3.77
C ASN A 272 -14.16 1.27 5.14
N ALA A 273 -14.42 2.59 5.19
CA ALA A 273 -14.68 3.23 6.46
C ALA A 273 -15.85 2.52 7.16
N GLU A 274 -15.78 2.36 8.49
CA GLU A 274 -16.88 1.73 9.26
C GLU A 274 -18.13 2.60 9.24
NA NA B . 12.25 -27.30 -4.09
CL CL C . -6.69 -22.60 -4.27
CL CL D . 9.85 1.13 -6.26
#